data_5AUW
#
_entry.id   5AUW
#
_cell.length_a   46.943
_cell.length_b   62.212
_cell.length_c   88.201
_cell.angle_alpha   90.00
_cell.angle_beta   90.00
_cell.angle_gamma   90.00
#
_symmetry.space_group_name_H-M   'P 21 21 21'
#
loop_
_entity.id
_entity.type
_entity.pdbx_description
1 polymer 'Death-associated protein kinase 1'
2 non-polymer "3,5,7,3',4'-PENTAHYDROXYFLAVONE"
3 water water
#
_entity_poly.entity_id   1
_entity_poly.type   'polypeptide(L)'
_entity_poly.pdbx_seq_one_letter_code
;MTVFRQENVDDYYDTGEELGSGQFAVVKKCREKSTGLQYAAKFIKKRRTKSSRRGVSREDIEREVSILKEIQHPNVITLH
EVYENKTDVILILELVAGGELFDFLAEKESLTEEEATEFLKQILNGVYYLHSLQIAHFDLKPENIMLLDRNVPKPRIKII
DFGLAHKIDFGNEFKNIFGTPEFVAPEIVNYEPLGLEADMWSIGVITYILLSGASPFLGDTKQETLANVSAVNYEFEDEY
FSNTSALAKDFIRRLLVKDPKKRMTIQDSLQHPWIKPKDTQQALSLEHHHHHH
;
_entity_poly.pdbx_strand_id   A
#
# COMPACT_ATOMS: atom_id res chain seq x y z
N THR A 2 -1.54 15.00 19.72
CA THR A 2 -0.92 15.99 18.86
C THR A 2 -1.98 16.75 18.09
N VAL A 3 -1.84 18.08 18.02
CA VAL A 3 -2.82 18.89 17.32
C VAL A 3 -2.25 19.39 16.00
N PHE A 4 -3.13 19.73 15.07
CA PHE A 4 -2.72 20.11 13.74
C PHE A 4 -3.17 21.55 13.46
N ARG A 5 -2.80 22.08 12.30
CA ARG A 5 -3.13 23.46 11.95
C ARG A 5 -4.63 23.65 11.85
N GLN A 6 -5.16 24.60 12.61
CA GLN A 6 -6.61 24.74 12.66
C GLN A 6 -7.17 25.96 11.93
N GLU A 7 -6.32 26.69 11.23
CA GLU A 7 -6.80 27.66 10.26
C GLU A 7 -7.58 26.95 9.15
N ASN A 8 -8.49 27.66 8.49
CA ASN A 8 -9.28 27.05 7.42
C ASN A 8 -8.38 26.69 6.24
N VAL A 9 -8.44 25.43 5.82
CA VAL A 9 -7.57 24.98 4.74
C VAL A 9 -7.85 25.76 3.47
N ASP A 10 -9.11 26.17 3.30
CA ASP A 10 -9.52 26.91 2.11
C ASP A 10 -8.90 28.31 2.01
N ASP A 11 -8.34 28.80 3.12
CA ASP A 11 -7.66 30.09 3.09
C ASP A 11 -6.24 29.97 2.54
N TYR A 12 -5.76 28.74 2.40
CA TYR A 12 -4.39 28.49 1.97
C TYR A 12 -4.29 27.61 0.73
N TYR A 13 -5.37 26.88 0.44
CA TYR A 13 -5.40 25.98 -0.70
C TYR A 13 -6.71 26.10 -1.47
N ASP A 14 -6.63 25.90 -2.79
CA ASP A 14 -7.81 25.71 -3.60
C ASP A 14 -7.85 24.27 -4.07
N THR A 15 -9.02 23.64 -3.97
CA THR A 15 -9.15 22.25 -4.40
C THR A 15 -9.70 22.19 -5.84
N GLY A 16 -9.51 21.04 -6.48
CA GLY A 16 -9.93 20.82 -7.84
C GLY A 16 -10.47 19.42 -8.04
N GLU A 17 -9.89 18.69 -8.98
CA GLU A 17 -10.35 17.35 -9.36
C GLU A 17 -10.28 16.41 -8.16
N GLU A 18 -11.28 15.56 -7.99
CA GLU A 18 -11.22 14.54 -6.97
C GLU A 18 -10.36 13.40 -7.50
N LEU A 19 -9.43 12.92 -6.68
CA LEU A 19 -8.50 11.89 -7.10
C LEU A 19 -8.93 10.51 -6.64
N GLY A 20 -9.82 10.46 -5.66
CA GLY A 20 -10.34 9.18 -5.19
C GLY A 20 -11.09 9.34 -3.89
N SER A 21 -11.90 8.34 -3.53
CA SER A 21 -12.60 8.37 -2.26
C SER A 21 -12.77 6.95 -1.72
N GLY A 22 -12.94 6.84 -0.42
CA GLY A 22 -13.10 5.54 0.20
C GLY A 22 -13.99 5.62 1.42
N GLN A 23 -13.79 4.68 2.35
CA GLN A 23 -14.61 4.53 3.55
C GLN A 23 -14.96 5.85 4.26
N PHE A 24 -13.97 6.46 4.91
CA PHE A 24 -14.20 7.73 5.57
C PHE A 24 -13.24 8.80 5.10
N ALA A 25 -12.90 8.78 3.80
CA ALA A 25 -11.96 9.77 3.28
C ALA A 25 -12.22 10.10 1.83
N VAL A 26 -11.83 11.30 1.44
CA VAL A 26 -11.88 11.71 0.04
C VAL A 26 -10.55 12.41 -0.25
N VAL A 27 -10.02 12.22 -1.46
CA VAL A 27 -8.77 12.87 -1.83
C VAL A 27 -8.99 13.81 -3.00
N LYS A 28 -8.63 15.08 -2.80
CA LYS A 28 -8.81 16.12 -3.82
C LYS A 28 -7.48 16.69 -4.27
N LYS A 29 -7.29 16.85 -5.57
CA LYS A 29 -6.19 17.66 -6.08
C LYS A 29 -6.32 19.07 -5.50
N CYS A 30 -5.20 19.69 -5.13
CA CYS A 30 -5.27 21.04 -4.63
C CYS A 30 -4.03 21.84 -5.01
N ARG A 31 -4.11 23.14 -4.83
CA ARG A 31 -3.02 24.04 -5.17
C ARG A 31 -2.83 24.99 -4.00
N GLU A 32 -1.60 25.10 -3.52
CA GLU A 32 -1.29 26.03 -2.44
C GLU A 32 -1.26 27.46 -2.98
N LYS A 33 -2.01 28.34 -2.35
CA LYS A 33 -2.14 29.72 -2.84
C LYS A 33 -0.82 30.48 -2.83
N SER A 34 0.03 30.25 -1.82
CA SER A 34 1.25 31.03 -1.65
C SER A 34 2.38 30.67 -2.63
N THR A 35 2.35 29.45 -3.16
CA THR A 35 3.48 28.96 -3.97
C THR A 35 3.07 28.52 -5.38
N GLY A 36 1.78 28.26 -5.57
CA GLY A 36 1.28 27.71 -6.82
C GLY A 36 1.55 26.21 -6.94
N LEU A 37 2.19 25.64 -5.92
CA LEU A 37 2.54 24.22 -5.95
C LEU A 37 1.32 23.35 -5.70
N GLN A 38 1.32 22.18 -6.36
CA GLN A 38 0.16 21.32 -6.33
C GLN A 38 0.37 20.08 -5.47
N TYR A 39 -0.72 19.66 -4.81
CA TYR A 39 -0.71 18.59 -3.81
C TYR A 39 -2.00 17.78 -3.90
N ALA A 40 -2.06 16.73 -3.09
CA ALA A 40 -3.28 15.95 -2.92
C ALA A 40 -3.73 16.13 -1.49
N ALA A 41 -4.96 16.58 -1.31
CA ALA A 41 -5.49 16.77 0.02
C ALA A 41 -6.41 15.62 0.38
N LYS A 42 -6.04 14.86 1.42
CA LYS A 42 -6.87 13.76 1.88
C LYS A 42 -7.66 14.19 3.10
N PHE A 43 -8.98 14.25 2.94
CA PHE A 43 -9.88 14.62 4.02
C PHE A 43 -10.34 13.36 4.75
N ILE A 44 -9.90 13.19 5.99
CA ILE A 44 -10.23 12.01 6.80
C ILE A 44 -11.30 12.37 7.84
N LYS A 45 -12.43 11.67 7.80
CA LYS A 45 -13.51 11.96 8.74
C LYS A 45 -13.18 11.50 10.15
N LYS A 46 -13.27 12.43 11.11
CA LYS A 46 -13.05 12.14 12.52
C LYS A 46 -14.25 11.42 13.14
N ARG A 47 -13.99 10.66 14.21
CA ARG A 47 -15.08 10.14 15.05
C ARG A 47 -15.75 11.26 15.84
N ARG A 48 -17.06 11.16 16.02
CA ARG A 48 -17.79 12.19 16.77
C ARG A 48 -18.01 11.79 18.23
N THR A 49 -17.84 10.51 18.53
CA THR A 49 -17.96 10.02 19.91
C THR A 49 -16.91 8.93 20.12
N LYS A 50 -16.65 8.57 21.37
CA LYS A 50 -15.58 7.61 21.66
C LYS A 50 -15.93 6.20 21.17
N SER A 51 -17.23 5.89 21.12
CA SER A 51 -17.68 4.53 20.79
C SER A 51 -18.18 4.37 19.36
N SER A 52 -18.21 5.47 18.61
CA SER A 52 -18.66 5.41 17.22
C SER A 52 -17.79 4.49 16.36
N ARG A 53 -18.43 3.93 15.33
CA ARG A 53 -17.78 3.01 14.39
C ARG A 53 -17.62 3.79 13.09
N ARG A 54 -18.18 4.99 13.08
CA ARG A 54 -18.08 5.88 11.94
C ARG A 54 -16.87 6.77 12.15
N GLY A 55 -16.19 7.13 11.06
CA GLY A 55 -15.01 7.97 11.15
C GLY A 55 -13.79 7.23 11.68
N VAL A 56 -12.66 7.90 11.64
CA VAL A 56 -11.39 7.28 12.04
C VAL A 56 -11.01 7.82 13.41
N SER A 57 -10.62 6.93 14.33
CA SER A 57 -10.24 7.33 15.68
C SER A 57 -9.04 8.25 15.65
N ARG A 58 -8.97 9.18 16.59
CA ARG A 58 -7.82 10.07 16.70
C ARG A 58 -6.52 9.29 16.82
N GLU A 59 -6.55 8.21 17.58
CA GLU A 59 -5.38 7.36 17.76
C GLU A 59 -4.89 6.87 16.41
N ASP A 60 -5.82 6.40 15.59
CA ASP A 60 -5.45 5.89 14.27
C ASP A 60 -4.95 7.00 13.34
N ILE A 61 -5.57 8.18 13.42
CA ILE A 61 -5.13 9.30 12.59
C ILE A 61 -3.72 9.74 12.99
N GLU A 62 -3.50 9.88 14.29
CA GLU A 62 -2.19 10.33 14.77
C GLU A 62 -1.08 9.35 14.41
N ARG A 63 -1.39 8.05 14.44
CA ARG A 63 -0.40 7.04 14.07
C ARG A 63 0.01 7.22 12.61
N GLU A 64 -0.98 7.36 11.74
CA GLU A 64 -0.71 7.53 10.31
C GLU A 64 0.12 8.78 10.06
N VAL A 65 -0.25 9.89 10.69
CA VAL A 65 0.49 11.12 10.50
C VAL A 65 1.91 10.97 11.05
N SER A 66 2.07 10.32 12.20
CA SER A 66 3.40 10.13 12.76
C SER A 66 4.31 9.32 11.82
N ILE A 67 3.75 8.28 11.23
CA ILE A 67 4.51 7.48 10.27
C ILE A 67 4.87 8.29 9.02
N LEU A 68 3.88 8.97 8.43
CA LEU A 68 4.13 9.79 7.25
C LEU A 68 5.22 10.84 7.47
N LYS A 69 5.26 11.43 8.66
CA LYS A 69 6.28 12.43 8.96
C LYS A 69 7.72 11.88 8.95
N GLU A 70 7.87 10.57 9.16
CA GLU A 70 9.20 9.95 9.19
C GLU A 70 9.75 9.71 7.78
N ILE A 71 8.86 9.63 6.82
CA ILE A 71 9.20 9.07 5.51
C ILE A 71 9.76 10.08 4.52
N GLN A 72 10.94 9.79 3.99
CA GLN A 72 11.41 10.53 2.82
C GLN A 72 12.21 9.62 1.87
N HIS A 73 11.54 9.19 0.81
CA HIS A 73 12.11 8.27 -0.16
C HIS A 73 11.36 8.43 -1.47
N PRO A 74 12.07 8.31 -2.62
CA PRO A 74 11.41 8.53 -3.91
C PRO A 74 10.25 7.60 -4.20
N ASN A 75 10.22 6.43 -3.56
CA ASN A 75 9.13 5.49 -3.83
C ASN A 75 8.00 5.46 -2.81
N VAL A 76 7.98 6.46 -1.94
CA VAL A 76 6.90 6.56 -0.97
C VAL A 76 6.36 7.97 -0.99
N ILE A 77 5.04 8.09 -0.88
CA ILE A 77 4.37 9.38 -0.83
C ILE A 77 4.91 10.21 0.34
N THR A 78 5.06 11.52 0.14
CA THR A 78 5.49 12.36 1.24
C THR A 78 4.38 13.28 1.74
N LEU A 79 4.48 13.66 3.01
CA LEU A 79 3.48 14.51 3.64
C LEU A 79 4.00 15.94 3.71
N HIS A 80 3.18 16.89 3.28
CA HIS A 80 3.57 18.29 3.27
C HIS A 80 3.13 19.04 4.53
N GLU A 81 1.85 18.90 4.88
CA GLU A 81 1.23 19.64 5.99
C GLU A 81 0.05 18.86 6.48
N VAL A 82 -0.38 19.13 7.71
CA VAL A 82 -1.65 18.62 8.23
C VAL A 82 -2.52 19.72 8.82
N TYR A 83 -3.78 19.78 8.39
CA TYR A 83 -4.78 20.69 8.98
C TYR A 83 -5.88 19.88 9.66
N GLU A 84 -6.69 20.54 10.47
CA GLU A 84 -7.84 19.85 11.04
C GLU A 84 -8.91 20.84 11.41
N ASN A 85 -10.15 20.37 11.43
CA ASN A 85 -11.26 21.16 11.95
C ASN A 85 -12.16 20.21 12.71
N LYS A 86 -13.36 20.65 13.06
CA LYS A 86 -14.25 19.79 13.86
C LYS A 86 -14.55 18.42 13.23
N THR A 87 -14.65 18.39 11.90
CA THR A 87 -15.14 17.18 11.24
C THR A 87 -14.04 16.33 10.61
N ASP A 88 -12.91 16.95 10.25
CA ASP A 88 -11.90 16.26 9.46
C ASP A 88 -10.45 16.54 9.90
N VAL A 89 -9.57 15.57 9.63
CA VAL A 89 -8.13 15.86 9.56
C VAL A 89 -7.83 15.89 8.06
N ILE A 90 -7.09 16.90 7.62
CA ILE A 90 -6.78 17.05 6.20
C ILE A 90 -5.26 16.90 6.00
N LEU A 91 -4.86 15.81 5.34
CA LEU A 91 -3.45 15.62 5.02
C LEU A 91 -3.12 16.26 3.69
N ILE A 92 -2.13 17.14 3.66
CA ILE A 92 -1.70 17.71 2.40
C ILE A 92 -0.52 16.85 1.95
N LEU A 93 -0.75 16.06 0.91
CA LEU A 93 0.19 15.02 0.49
C LEU A 93 0.80 15.32 -0.88
N GLU A 94 1.95 14.71 -1.16
CA GLU A 94 2.56 14.84 -2.47
C GLU A 94 1.57 14.43 -3.57
N LEU A 95 1.50 15.22 -4.64
CA LEU A 95 0.62 14.91 -5.77
C LEU A 95 1.29 13.91 -6.71
N VAL A 96 0.56 12.84 -6.99
CA VAL A 96 1.00 11.83 -7.94
C VAL A 96 -0.14 11.71 -8.95
N ALA A 97 0.18 11.99 -10.22
CA ALA A 97 -0.85 12.22 -11.23
C ALA A 97 -1.11 11.08 -12.23
N GLY A 98 -0.36 9.98 -12.13
CA GLY A 98 -0.46 8.92 -13.11
C GLY A 98 -1.46 7.81 -12.79
N GLY A 99 -2.20 7.97 -11.70
CA GLY A 99 -3.24 7.02 -11.36
C GLY A 99 -2.72 5.78 -10.68
N GLU A 100 -3.62 4.86 -10.35
CA GLU A 100 -3.27 3.63 -9.65
C GLU A 100 -2.58 2.62 -10.56
N LEU A 101 -1.66 1.85 -9.99
CA LEU A 101 -1.08 0.72 -10.70
C LEU A 101 -2.22 -0.21 -11.08
N PHE A 102 -3.23 -0.32 -10.21
CA PHE A 102 -4.43 -1.13 -10.47
C PHE A 102 -5.08 -0.80 -11.82
N ASP A 103 -5.22 0.48 -12.13
CA ASP A 103 -5.88 0.90 -13.36
C ASP A 103 -4.95 0.81 -14.58
N PHE A 104 -3.66 1.00 -14.35
CA PHE A 104 -2.64 0.80 -15.37
C PHE A 104 -2.66 -0.68 -15.80
N LEU A 105 -2.84 -1.56 -14.84
CA LEU A 105 -2.85 -3.00 -15.09
C LEU A 105 -4.06 -3.43 -15.90
N ALA A 106 -5.23 -2.89 -15.52
CA ALA A 106 -6.48 -3.21 -16.19
C ALA A 106 -6.42 -2.87 -17.68
N GLU A 107 -5.52 -1.96 -18.03
CA GLU A 107 -5.33 -1.55 -19.43
C GLU A 107 -4.52 -2.56 -20.25
N LYS A 108 -3.93 -3.55 -19.59
CA LYS A 108 -3.10 -4.55 -20.25
C LYS A 108 -2.88 -5.76 -19.35
N LEU A 111 1.58 -7.78 -17.99
CA LEU A 111 2.90 -7.20 -18.20
C LEU A 111 3.94 -8.26 -18.57
N THR A 112 4.95 -7.86 -19.32
CA THR A 112 6.14 -8.70 -19.51
C THR A 112 6.88 -8.80 -18.17
N GLU A 113 7.81 -9.75 -18.04
CA GLU A 113 8.61 -9.84 -16.82
C GLU A 113 9.46 -8.61 -16.60
N GLU A 114 9.96 -8.02 -17.69
CA GLU A 114 10.72 -6.79 -17.57
C GLU A 114 9.86 -5.65 -17.04
N GLU A 115 8.64 -5.51 -17.57
CA GLU A 115 7.73 -4.46 -17.11
C GLU A 115 7.35 -4.72 -15.66
N ALA A 116 7.05 -5.97 -15.35
CA ALA A 116 6.75 -6.35 -13.99
C ALA A 116 7.90 -6.06 -13.02
N THR A 117 9.12 -6.48 -13.37
CA THR A 117 10.27 -6.25 -12.49
C THR A 117 10.61 -4.77 -12.36
N GLU A 118 10.34 -4.00 -13.42
CA GLU A 118 10.57 -2.57 -13.37
C GLU A 118 9.73 -1.89 -12.30
N PHE A 119 8.47 -2.30 -12.21
CA PHE A 119 7.57 -1.83 -11.16
C PHE A 119 8.03 -2.42 -9.83
N LEU A 120 8.23 -3.74 -9.84
CA LEU A 120 8.51 -4.47 -8.61
C LEU A 120 9.77 -3.98 -7.91
N LYS A 121 10.82 -3.70 -8.67
CA LYS A 121 12.05 -3.18 -8.09
C LYS A 121 11.82 -1.88 -7.32
N GLN A 122 10.96 -1.03 -7.87
CA GLN A 122 10.63 0.22 -7.19
C GLN A 122 9.84 -0.04 -5.92
N ILE A 123 8.86 -0.94 -6.00
CA ILE A 123 8.09 -1.31 -4.82
C ILE A 123 9.02 -1.89 -3.75
N LEU A 124 9.89 -2.80 -4.17
CA LEU A 124 10.85 -3.40 -3.24
C LEU A 124 11.75 -2.35 -2.61
N ASN A 125 12.22 -1.39 -3.39
CA ASN A 125 13.05 -0.31 -2.87
C ASN A 125 12.31 0.51 -1.82
N GLY A 126 11.05 0.86 -2.09
CA GLY A 126 10.25 1.62 -1.14
C GLY A 126 10.00 0.82 0.12
N VAL A 127 9.70 -0.46 -0.04
CA VAL A 127 9.44 -1.31 1.13
C VAL A 127 10.73 -1.59 1.91
N TYR A 128 11.86 -1.67 1.22
CA TYR A 128 13.14 -1.80 1.91
C TYR A 128 13.35 -0.60 2.83
N TYR A 129 13.06 0.59 2.33
CA TYR A 129 13.19 1.80 3.13
C TYR A 129 12.27 1.71 4.36
N LEU A 130 11.00 1.40 4.13
CA LEU A 130 10.03 1.30 5.22
C LEU A 130 10.45 0.26 6.27
N HIS A 131 10.77 -0.95 5.81
CA HIS A 131 11.12 -2.03 6.73
C HIS A 131 12.41 -1.71 7.47
N SER A 132 13.32 -0.98 6.82
CA SER A 132 14.55 -0.55 7.49
C SER A 132 14.25 0.35 8.68
N LEU A 133 13.13 1.06 8.61
CA LEU A 133 12.66 1.94 9.69
C LEU A 133 11.67 1.23 10.60
N GLN A 134 11.55 -0.09 10.43
CA GLN A 134 10.60 -0.93 11.18
C GLN A 134 9.15 -0.50 11.00
N ILE A 135 8.84 0.00 9.81
CA ILE A 135 7.46 0.35 9.47
C ILE A 135 6.86 -0.74 8.58
N ALA A 136 5.79 -1.36 9.08
CA ALA A 136 4.98 -2.28 8.28
C ALA A 136 3.86 -1.48 7.67
N HIS A 137 3.62 -1.66 6.38
CA HIS A 137 2.57 -0.92 5.68
C HIS A 137 1.21 -1.55 5.97
N PHE A 138 1.14 -2.88 5.82
CA PHE A 138 -0.05 -3.69 6.13
C PHE A 138 -1.23 -3.55 5.17
N ASP A 139 -1.05 -2.80 4.08
CA ASP A 139 -2.11 -2.66 3.09
C ASP A 139 -1.55 -2.53 1.68
N LEU A 140 -0.49 -3.27 1.37
CA LEU A 140 0.09 -3.21 0.02
C LEU A 140 -0.79 -3.97 -0.96
N LYS A 141 -1.13 -3.30 -2.06
CA LYS A 141 -1.97 -3.85 -3.15
C LYS A 141 -1.85 -2.86 -4.31
N PRO A 142 -2.22 -3.28 -5.54
CA PRO A 142 -2.07 -2.40 -6.71
C PRO A 142 -2.79 -1.07 -6.57
N GLU A 143 -3.92 -1.04 -5.86
CA GLU A 143 -4.64 0.21 -5.64
C GLU A 143 -3.82 1.22 -4.83
N ASN A 144 -2.89 0.72 -4.03
CA ASN A 144 -2.06 1.59 -3.19
C ASN A 144 -0.67 1.88 -3.74
N ILE A 145 -0.49 1.60 -5.03
CA ILE A 145 0.74 1.93 -5.75
C ILE A 145 0.34 2.91 -6.85
N MET A 146 0.82 4.15 -6.76
CA MET A 146 0.48 5.18 -7.73
C MET A 146 1.63 5.46 -8.69
N LEU A 147 1.32 5.87 -9.90
CA LEU A 147 2.33 6.18 -10.91
C LEU A 147 2.49 7.69 -11.01
N LEU A 148 3.72 8.16 -11.19
CA LEU A 148 3.95 9.60 -11.36
C LEU A 148 3.45 10.06 -12.73
N ASP A 149 3.83 9.31 -13.77
CA ASP A 149 3.45 9.60 -15.14
C ASP A 149 3.22 8.27 -15.86
N ARG A 150 1.98 8.02 -16.30
CA ARG A 150 1.65 6.73 -16.90
C ARG A 150 1.91 6.67 -18.41
N ASN A 151 2.35 7.78 -19.01
CA ASN A 151 2.65 7.81 -20.44
C ASN A 151 4.15 7.74 -20.72
N VAL A 152 4.84 6.87 -19.97
CA VAL A 152 6.24 6.58 -20.21
C VAL A 152 6.36 5.05 -20.19
N PRO A 153 7.40 4.49 -20.84
CA PRO A 153 7.49 3.03 -20.95
C PRO A 153 7.61 2.37 -19.59
N LYS A 154 8.35 3.04 -18.70
CA LYS A 154 8.64 2.52 -17.38
C LYS A 154 8.26 3.52 -16.29
N PRO A 155 6.96 3.61 -15.98
CA PRO A 155 6.42 4.59 -15.03
C PRO A 155 7.07 4.48 -13.64
N ARG A 156 7.34 5.61 -13.02
CA ARG A 156 7.87 5.62 -11.66
C ARG A 156 6.72 5.55 -10.66
N ILE A 157 6.91 4.86 -9.54
CA ILE A 157 5.81 4.69 -8.61
C ILE A 157 6.07 5.21 -7.20
N LYS A 158 4.98 5.43 -6.48
CA LYS A 158 5.03 5.79 -5.07
C LYS A 158 3.97 5.03 -4.29
N ILE A 159 4.37 4.45 -3.16
CA ILE A 159 3.45 3.75 -2.29
C ILE A 159 2.61 4.77 -1.51
N ILE A 160 1.29 4.54 -1.47
CA ILE A 160 0.38 5.43 -0.72
C ILE A 160 -0.40 4.70 0.35
N ASP A 161 -1.28 5.44 1.03
CA ASP A 161 -2.22 4.89 2.01
C ASP A 161 -1.61 4.15 3.20
N PHE A 162 -1.11 4.94 4.15
CA PHE A 162 -0.50 4.41 5.36
C PHE A 162 -1.48 4.32 6.51
N GLY A 163 -2.76 4.17 6.18
CA GLY A 163 -3.83 4.09 7.17
C GLY A 163 -3.78 2.88 8.08
N LEU A 164 -3.15 1.79 7.62
CA LEU A 164 -3.00 0.62 8.47
C LEU A 164 -1.56 0.45 8.95
N ALA A 165 -0.67 1.35 8.53
CA ALA A 165 0.76 1.21 8.83
C ALA A 165 1.06 1.28 10.32
N HIS A 166 2.03 0.50 10.76
CA HIS A 166 2.44 0.48 12.16
C HIS A 166 3.95 0.39 12.31
N LYS A 167 4.48 1.06 13.33
CA LYS A 167 5.84 0.82 13.78
C LYS A 167 5.91 -0.52 14.49
N ILE A 168 6.89 -1.34 14.13
CA ILE A 168 7.07 -2.62 14.76
C ILE A 168 8.39 -2.55 15.53
N ASP A 169 8.35 -2.06 16.78
CA ASP A 169 9.55 -1.97 17.61
C ASP A 169 9.88 -3.26 18.36
N PHE A 170 8.91 -4.17 18.43
CA PHE A 170 9.05 -5.40 19.19
C PHE A 170 8.96 -6.66 18.32
N GLY A 171 9.32 -6.55 17.04
CA GLY A 171 9.26 -7.69 16.16
C GLY A 171 7.87 -8.01 15.64
N ASN A 172 6.85 -7.78 16.47
CA ASN A 172 5.47 -8.00 16.05
C ASN A 172 4.49 -7.06 16.75
N GLU A 173 3.32 -6.87 16.16
CA GLU A 173 2.25 -6.08 16.76
C GLU A 173 0.99 -6.93 16.79
N PHE A 174 0.26 -6.93 17.89
CA PHE A 174 -1.05 -7.53 17.75
C PHE A 174 -2.25 -6.74 18.23
N LYS A 175 -2.97 -6.29 17.20
CA LYS A 175 -3.88 -5.16 17.26
C LYS A 175 -5.06 -5.52 16.39
N ASN A 176 -5.96 -4.57 16.22
CA ASN A 176 -7.02 -4.68 15.24
C ASN A 176 -6.49 -4.25 13.88
N ILE A 177 -5.94 -5.19 13.12
CA ILE A 177 -5.30 -4.88 11.83
C ILE A 177 -5.74 -5.91 10.79
N PHE A 178 -6.43 -5.43 9.76
CA PHE A 178 -7.01 -6.31 8.74
C PHE A 178 -7.27 -5.51 7.46
N GLY A 179 -6.59 -5.87 6.38
CA GLY A 179 -6.72 -5.19 5.11
C GLY A 179 -7.66 -5.89 4.14
N THR A 180 -7.35 -5.81 2.84
CA THR A 180 -8.19 -6.39 1.80
C THR A 180 -7.91 -7.88 1.64
N PRO A 181 -8.95 -8.72 1.73
CA PRO A 181 -8.78 -10.19 1.73
C PRO A 181 -7.85 -10.73 0.65
N GLU A 182 -7.91 -10.22 -0.57
CA GLU A 182 -7.09 -10.77 -1.65
C GLU A 182 -5.58 -10.69 -1.37
N PHE A 183 -5.20 -9.74 -0.53
CA PHE A 183 -3.78 -9.41 -0.36
C PHE A 183 -3.22 -9.62 1.03
N VAL A 184 -4.07 -9.95 2.00
CA VAL A 184 -3.58 -10.14 3.36
C VAL A 184 -2.90 -11.49 3.55
N ALA A 185 -1.89 -11.51 4.41
CA ALA A 185 -1.16 -12.73 4.74
C ALA A 185 -1.97 -13.63 5.65
N PRO A 186 -1.63 -14.92 5.71
CA PRO A 186 -2.38 -15.84 6.57
C PRO A 186 -2.42 -15.39 8.04
N GLU A 187 -1.34 -14.80 8.55
CA GLU A 187 -1.33 -14.37 9.93
C GLU A 187 -2.36 -13.26 10.20
N ILE A 188 -2.66 -12.46 9.18
CA ILE A 188 -3.75 -11.49 9.29
C ILE A 188 -5.10 -12.20 9.35
N VAL A 189 -5.31 -13.14 8.44
CA VAL A 189 -6.55 -13.92 8.38
C VAL A 189 -6.82 -14.63 9.70
N ASN A 190 -5.75 -15.07 10.34
CA ASN A 190 -5.85 -15.88 11.54
C ASN A 190 -5.72 -15.07 12.84
N TYR A 191 -5.63 -13.75 12.69
CA TYR A 191 -5.57 -12.81 13.83
C TYR A 191 -4.40 -13.09 14.75
N GLU A 192 -3.25 -13.37 14.15
CA GLU A 192 -2.03 -13.66 14.89
C GLU A 192 -1.14 -12.41 14.97
N PRO A 193 -0.09 -12.47 15.80
CA PRO A 193 0.83 -11.32 15.83
C PRO A 193 1.41 -11.06 14.45
N LEU A 194 1.57 -9.78 14.12
CA LEU A 194 1.91 -9.35 12.76
C LEU A 194 3.23 -8.61 12.75
N GLY A 195 4.03 -8.82 11.72
CA GLY A 195 5.28 -8.09 11.59
C GLY A 195 5.55 -7.69 10.16
N LEU A 196 6.80 -7.37 9.85
CA LEU A 196 7.17 -6.95 8.50
C LEU A 196 6.89 -8.04 7.47
N GLU A 197 6.85 -9.29 7.94
CA GLU A 197 6.63 -10.42 7.05
C GLU A 197 5.32 -10.34 6.27
N ALA A 198 4.28 -9.77 6.87
CA ALA A 198 2.98 -9.68 6.21
C ALA A 198 3.07 -8.88 4.90
N ASP A 199 3.86 -7.82 4.89
CA ASP A 199 4.08 -7.06 3.65
C ASP A 199 4.73 -7.90 2.55
N MET A 200 5.62 -8.82 2.94
CA MET A 200 6.31 -9.61 1.95
C MET A 200 5.35 -10.58 1.26
N TRP A 201 4.42 -11.13 2.03
CA TRP A 201 3.36 -11.94 1.43
C TRP A 201 2.57 -11.10 0.42
N SER A 202 2.20 -9.89 0.82
CA SER A 202 1.42 -9.04 -0.09
C SER A 202 2.16 -8.74 -1.37
N ILE A 203 3.48 -8.58 -1.27
CA ILE A 203 4.33 -8.39 -2.45
C ILE A 203 4.26 -9.62 -3.38
N GLY A 204 4.24 -10.82 -2.80
CA GLY A 204 4.06 -12.05 -3.58
C GLY A 204 2.77 -12.06 -4.37
N VAL A 205 1.69 -11.62 -3.72
CA VAL A 205 0.39 -11.53 -4.39
C VAL A 205 0.43 -10.51 -5.52
N ILE A 206 0.97 -9.31 -5.25
CA ILE A 206 1.11 -8.29 -6.28
C ILE A 206 1.92 -8.81 -7.46
N THR A 207 3.00 -9.53 -7.17
CA THR A 207 3.85 -10.06 -8.23
C THR A 207 3.09 -11.06 -9.10
N TYR A 208 2.34 -11.97 -8.47
CA TYR A 208 1.52 -12.92 -9.19
C TYR A 208 0.56 -12.19 -10.15
N ILE A 209 -0.10 -11.16 -9.67
CA ILE A 209 -1.06 -10.39 -10.47
C ILE A 209 -0.37 -9.62 -11.61
N LEU A 210 0.78 -9.03 -11.31
CA LEU A 210 1.57 -8.33 -12.32
C LEU A 210 1.87 -9.22 -13.52
N LEU A 211 2.24 -10.47 -13.24
CA LEU A 211 2.71 -11.37 -14.28
C LEU A 211 1.59 -12.06 -15.05
N SER A 212 0.42 -12.20 -14.44
CA SER A 212 -0.62 -13.05 -15.01
C SER A 212 -1.94 -12.36 -15.28
N GLY A 213 -2.21 -11.26 -14.58
CA GLY A 213 -3.49 -10.61 -14.67
C GLY A 213 -4.54 -11.27 -13.79
N ALA A 214 -4.14 -12.29 -13.04
CA ALA A 214 -5.06 -13.05 -12.23
C ALA A 214 -4.68 -12.98 -10.76
N SER A 215 -5.67 -13.07 -9.88
CA SER A 215 -5.48 -12.97 -8.43
C SER A 215 -5.38 -14.38 -7.85
N PRO A 216 -4.29 -14.67 -7.10
CA PRO A 216 -3.98 -16.06 -6.75
C PRO A 216 -4.94 -16.73 -5.76
N PHE A 217 -5.55 -15.97 -4.86
CA PHE A 217 -6.41 -16.56 -3.83
C PHE A 217 -7.87 -16.18 -3.96
N LEU A 218 -8.20 -15.40 -4.97
CA LEU A 218 -9.53 -14.80 -5.08
C LEU A 218 -10.63 -15.85 -5.23
N GLY A 219 -11.57 -15.86 -4.28
CA GLY A 219 -12.72 -16.73 -4.36
C GLY A 219 -13.95 -15.94 -4.74
N ASP A 220 -15.11 -16.58 -4.70
CA ASP A 220 -16.33 -15.93 -5.12
C ASP A 220 -16.94 -15.06 -4.02
N THR A 221 -16.48 -15.27 -2.78
CA THR A 221 -16.91 -14.45 -1.66
C THR A 221 -15.69 -14.11 -0.82
N LYS A 222 -15.80 -13.12 0.04
CA LYS A 222 -14.68 -12.74 0.88
C LYS A 222 -14.25 -13.89 1.77
N GLN A 223 -15.20 -14.64 2.30
CA GLN A 223 -14.86 -15.77 3.19
C GLN A 223 -14.07 -16.84 2.46
N GLU A 224 -14.44 -17.13 1.21
CA GLU A 224 -13.67 -18.04 0.37
C GLU A 224 -12.25 -17.53 0.14
N THR A 225 -12.10 -16.26 -0.17
CA THR A 225 -10.76 -15.70 -0.37
C THR A 225 -9.89 -15.88 0.87
N LEU A 226 -10.47 -15.55 2.03
CA LEU A 226 -9.75 -15.64 3.29
C LEU A 226 -9.38 -17.08 3.61
N ALA A 227 -10.30 -18.00 3.35
CA ALA A 227 -10.05 -19.41 3.57
C ALA A 227 -8.91 -19.91 2.68
N ASN A 228 -8.89 -19.42 1.44
CA ASN A 228 -7.87 -19.77 0.47
C ASN A 228 -6.50 -19.27 0.91
N VAL A 229 -6.48 -18.04 1.42
CA VAL A 229 -5.24 -17.43 1.88
C VAL A 229 -4.67 -18.27 3.01
N SER A 230 -5.50 -18.60 3.98
CA SER A 230 -5.03 -19.32 5.15
C SER A 230 -4.52 -20.70 4.78
N ALA A 231 -5.12 -21.31 3.76
CA ALA A 231 -4.73 -22.66 3.34
C ALA A 231 -3.60 -22.64 2.31
N VAL A 232 -3.18 -21.43 1.91
CA VAL A 232 -2.20 -21.26 0.83
C VAL A 232 -2.68 -22.00 -0.43
N ASN A 233 -3.96 -21.81 -0.71
CA ASN A 233 -4.64 -22.40 -1.85
C ASN A 233 -4.45 -21.55 -3.11
N TYR A 234 -3.27 -21.68 -3.73
CA TYR A 234 -3.01 -21.04 -5.01
C TYR A 234 -2.14 -21.96 -5.84
N GLU A 235 -2.16 -21.76 -7.16
CA GLU A 235 -1.27 -22.48 -8.04
C GLU A 235 -0.98 -21.63 -9.26
N PHE A 236 0.08 -21.96 -9.99
CA PHE A 236 0.39 -21.24 -11.21
C PHE A 236 -0.32 -21.88 -12.40
N GLU A 237 -1.37 -21.22 -12.88
CA GLU A 237 -2.11 -21.74 -14.03
C GLU A 237 -1.25 -21.69 -15.29
N ASP A 238 -1.09 -22.83 -15.94
CA ASP A 238 -0.31 -22.89 -17.18
C ASP A 238 -0.81 -21.90 -18.23
N GLU A 239 -2.11 -21.69 -18.33
CA GLU A 239 -2.64 -20.78 -19.35
C GLU A 239 -2.07 -19.37 -19.17
N TYR A 240 -1.82 -19.00 -17.91
CA TYR A 240 -1.29 -17.68 -17.57
C TYR A 240 0.23 -17.65 -17.48
N PHE A 241 0.84 -18.74 -17.04
CA PHE A 241 2.25 -18.71 -16.68
C PHE A 241 3.16 -19.53 -17.60
N SER A 242 2.59 -20.05 -18.70
CA SER A 242 3.35 -20.92 -19.63
C SER A 242 4.64 -20.31 -20.17
N ASN A 243 4.64 -19.01 -20.45
CA ASN A 243 5.85 -18.35 -20.91
C ASN A 243 6.46 -17.42 -19.86
N THR A 244 6.14 -17.68 -18.59
CA THR A 244 6.76 -16.95 -17.49
C THR A 244 7.92 -17.79 -16.96
N SER A 245 9.05 -17.17 -16.65
CA SER A 245 10.24 -17.92 -16.25
C SER A 245 10.04 -18.66 -14.93
N ALA A 246 10.76 -19.77 -14.79
CA ALA A 246 10.70 -20.54 -13.56
C ALA A 246 11.26 -19.73 -12.40
N LEU A 247 12.20 -18.83 -12.67
CA LEU A 247 12.76 -17.99 -11.61
C LEU A 247 11.73 -17.00 -11.06
N ALA A 248 10.90 -16.45 -11.93
CA ALA A 248 9.81 -15.58 -11.49
C ALA A 248 8.87 -16.37 -10.57
N LYS A 249 8.53 -17.59 -10.98
CA LYS A 249 7.68 -18.45 -10.14
C LYS A 249 8.34 -18.75 -8.80
N ASP A 250 9.67 -18.94 -8.81
CA ASP A 250 10.43 -19.22 -7.60
C ASP A 250 10.33 -18.04 -6.62
N PHE A 251 10.48 -16.83 -7.14
CA PHE A 251 10.34 -15.60 -6.36
C PHE A 251 8.98 -15.55 -5.66
N ILE A 252 7.91 -15.77 -6.42
CA ILE A 252 6.57 -15.80 -5.85
C ILE A 252 6.41 -16.88 -4.79
N ARG A 253 6.89 -18.08 -5.12
CA ARG A 253 6.72 -19.24 -4.26
C ARG A 253 7.41 -19.03 -2.90
N ARG A 254 8.50 -18.27 -2.87
CA ARG A 254 9.20 -18.04 -1.61
C ARG A 254 8.62 -16.90 -0.80
N LEU A 255 7.63 -16.23 -1.37
CA LEU A 255 6.90 -15.18 -0.66
C LEU A 255 5.55 -15.65 -0.15
N LEU A 256 4.89 -16.51 -0.93
CA LEU A 256 3.58 -17.03 -0.54
C LEU A 256 3.74 -18.29 0.33
N VAL A 257 4.34 -18.08 1.50
CA VAL A 257 4.71 -19.12 2.45
C VAL A 257 3.94 -18.83 3.73
N LYS A 258 3.24 -19.82 4.25
CA LYS A 258 2.40 -19.58 5.43
C LYS A 258 3.20 -19.17 6.67
N ASP A 259 4.29 -19.88 6.94
CA ASP A 259 5.12 -19.58 8.12
C ASP A 259 5.93 -18.30 7.87
N PRO A 260 5.61 -17.22 8.61
CA PRO A 260 6.25 -15.93 8.33
C PRO A 260 7.76 -16.01 8.50
N LYS A 261 8.22 -16.89 9.39
CA LYS A 261 9.66 -17.07 9.62
C LYS A 261 10.39 -17.68 8.43
N LYS A 262 9.67 -18.38 7.56
CA LYS A 262 10.29 -19.04 6.41
C LYS A 262 10.13 -18.23 5.14
N ARG A 263 9.36 -17.15 5.22
CA ARG A 263 9.10 -16.27 4.08
C ARG A 263 10.34 -15.42 3.77
N MET A 264 10.58 -15.11 2.49
CA MET A 264 11.68 -14.20 2.18
C MET A 264 11.43 -12.86 2.86
N THR A 265 12.50 -12.26 3.39
CA THR A 265 12.42 -10.90 3.91
C THR A 265 12.63 -9.93 2.76
N ILE A 266 12.51 -8.63 3.02
CA ILE A 266 12.75 -7.63 1.99
C ILE A 266 14.19 -7.73 1.49
N GLN A 267 15.15 -7.94 2.40
CA GLN A 267 16.54 -8.12 1.98
C GLN A 267 16.72 -9.36 1.11
N ASP A 268 16.06 -10.46 1.48
CA ASP A 268 16.08 -11.68 0.66
C ASP A 268 15.55 -11.39 -0.73
N SER A 269 14.45 -10.63 -0.82
CA SER A 269 13.83 -10.37 -2.11
C SER A 269 14.75 -9.58 -3.05
N LEU A 270 15.55 -8.68 -2.49
CA LEU A 270 16.48 -7.88 -3.29
C LEU A 270 17.70 -8.69 -3.75
N GLN A 271 18.01 -9.77 -3.03
CA GLN A 271 19.13 -10.64 -3.43
C GLN A 271 18.71 -11.83 -4.28
N HIS A 272 17.41 -12.05 -4.40
CA HIS A 272 16.90 -13.18 -5.17
C HIS A 272 17.37 -13.06 -6.62
N PRO A 273 17.73 -14.19 -7.23
CA PRO A 273 18.32 -14.11 -8.57
C PRO A 273 17.41 -13.50 -9.67
N TRP A 274 16.09 -13.49 -9.48
CA TRP A 274 15.20 -12.85 -10.45
C TRP A 274 15.33 -11.32 -10.39
N ILE A 275 15.70 -10.81 -9.22
CA ILE A 275 15.75 -9.36 -9.00
C ILE A 275 17.18 -8.81 -9.06
N LYS A 276 18.11 -9.52 -8.44
CA LYS A 276 19.51 -9.07 -8.36
C LYS A 276 20.18 -9.06 -9.74
N PRO A 277 20.91 -7.99 -10.06
CA PRO A 277 21.60 -7.91 -11.36
C PRO A 277 22.55 -9.09 -11.65
#